data_3MRR
#
_entry.id   3MRR
#
_cell.length_a   53.887
_cell.length_b   81.041
_cell.length_c   57.505
_cell.angle_alpha   90.000
_cell.angle_beta   114.660
_cell.angle_gamma   90.000
#
_symmetry.space_group_name_H-M   'P 1 21 1'
#
loop_
_entity.id
_entity.type
_entity.pdbx_description
1 polymer 'HLA class I histocompatibility antigen, A-2 alpha chain'
2 polymer Beta-2-microglobulin
3 polymer '10-meric peptide from Solute carrier organic anion transporter family member 2A1'
4 water water
#
loop_
_entity_poly.entity_id
_entity_poly.type
_entity_poly.pdbx_seq_one_letter_code
_entity_poly.pdbx_strand_id
1 'polypeptide(L)'
;GSHSMRYFFTSVSRPGRGEPRFIAVGYVDDTQFVRFDSDAASQRMEPRAPWIEQEGPEYWDGETRKVKAHSQTHRVDLGT
LRGYYNQSEAGSHTVQRMYGCDVGSDWRFLRGYHQYAYDGKDYIALKEDLRSWTAADMAAQTTKHKWEAAHVAEQLRAYL
EGTCVEWLRRYLENGKETLQRTDAPKTHMTHHAVSDHEATLRCWALSFYPAEITLTWQRDGEDQTQDTELVETRPAGDGT
FQKWVAVVVPSGQEQRYTCHVQHEGLPKPLTLRWEPGSLHHILDAQKMVWNHR
;
A
2 'polypeptide(L)'
;MIQRTPKIQVYSRHPAENGKSNFLNCYVSGFHPSDIEVDLLKNGERIEKVEHSDLSFSKDWSFYLLYYTEFTPTEKDEYA
CRVNHVTLSQPKIVKWDRDM
;
B
3 'polypeptide(L)' LLAGIGTVPI P
#
# COMPACT_ATOMS: atom_id res chain seq x y z
N GLY A 1 -10.14 16.27 8.61
CA GLY A 1 -10.30 15.13 9.56
C GLY A 1 -8.97 14.71 10.15
N SER A 2 -8.82 13.41 10.39
CA SER A 2 -7.58 12.84 10.93
C SER A 2 -6.53 12.66 9.83
N HIS A 3 -5.26 12.71 10.21
CA HIS A 3 -4.18 12.56 9.23
C HIS A 3 -3.05 11.73 9.79
N SER A 4 -2.19 11.23 8.91
CA SER A 4 -1.05 10.43 9.33
C SER A 4 0.18 10.66 8.48
N MET A 5 1.35 10.44 9.07
CA MET A 5 2.59 10.34 8.29
C MET A 5 3.20 8.99 8.62
N ARG A 6 3.63 8.27 7.60
CA ARG A 6 4.21 6.93 7.78
CA ARG A 6 4.23 6.95 7.80
C ARG A 6 5.41 6.75 6.88
N TYR A 7 6.43 6.09 7.40
CA TYR A 7 7.54 5.68 6.56
C TYR A 7 7.63 4.15 6.58
N PHE A 8 7.89 3.59 5.42
CA PHE A 8 7.97 2.13 5.21
C PHE A 8 9.33 1.79 4.64
N PHE A 9 9.99 0.81 5.22
CA PHE A 9 11.34 0.45 4.82
C PHE A 9 11.41 -1.04 4.61
N THR A 10 12.02 -1.45 3.51
CA THR A 10 12.20 -2.87 3.22
C THR A 10 13.64 -3.13 2.77
N SER A 11 14.31 -4.08 3.42
CA SER A 11 15.62 -4.51 2.94
C SER A 11 15.61 -6.00 2.66
N VAL A 12 16.20 -6.40 1.56
CA VAL A 12 16.17 -7.80 1.13
C VAL A 12 17.61 -8.22 0.83
N SER A 13 18.10 -9.21 1.56
CA SER A 13 19.50 -9.64 1.38
C SER A 13 19.72 -10.28 0.02
N ARG A 14 20.94 -10.13 -0.47
CA ARG A 14 21.33 -10.62 -1.77
C ARG A 14 22.52 -11.56 -1.60
N PRO A 15 22.22 -12.85 -1.42
CA PRO A 15 23.24 -13.88 -1.23
C PRO A 15 24.18 -13.90 -2.43
N GLY A 16 25.47 -14.02 -2.18
CA GLY A 16 26.40 -14.21 -3.28
C GLY A 16 27.25 -13.00 -3.63
N ARG A 17 26.66 -11.80 -3.56
CA ARG A 17 27.41 -10.56 -3.79
C ARG A 17 26.69 -9.28 -3.37
N GLY A 18 27.40 -8.44 -2.61
CA GLY A 18 26.98 -7.06 -2.37
C GLY A 18 25.97 -6.87 -1.24
N GLU A 19 25.52 -5.63 -1.11
CA GLU A 19 24.59 -5.20 -0.05
C GLU A 19 23.14 -5.50 -0.40
N PRO A 20 22.25 -5.47 0.61
CA PRO A 20 20.85 -5.72 0.38
C PRO A 20 20.20 -4.68 -0.52
N ARG A 21 19.10 -5.07 -1.16
CA ARG A 21 18.23 -4.12 -1.88
C ARG A 21 17.41 -3.40 -0.80
N PHE A 22 17.42 -2.08 -0.81
CA PHE A 22 16.74 -1.29 0.22
C PHE A 22 15.78 -0.29 -0.45
N ILE A 23 14.52 -0.30 -0.04
CA ILE A 23 13.53 0.62 -0.62
C ILE A 23 12.82 1.31 0.54
N ALA A 24 12.80 2.63 0.53
CA ALA A 24 12.12 3.40 1.56
C ALA A 24 11.09 4.28 0.89
N VAL A 25 9.91 4.35 1.49
CA VAL A 25 8.84 5.23 1.01
C VAL A 25 8.18 5.98 2.15
N GLY A 26 7.86 7.25 1.89
CA GLY A 26 7.16 8.06 2.86
C GLY A 26 5.78 8.43 2.34
N TYR A 27 4.80 8.40 3.25
CA TYR A 27 3.43 8.77 2.92
C TYR A 27 2.85 9.81 3.87
N VAL A 28 2.02 10.70 3.34
CA VAL A 28 1.08 11.46 4.16
CA VAL A 28 1.09 11.42 4.19
C VAL A 28 -0.30 10.94 3.79
N ASP A 29 -1.05 10.45 4.77
CA ASP A 29 -2.32 9.79 4.47
C ASP A 29 -2.09 8.73 3.37
N ASP A 30 -2.84 8.79 2.29
CA ASP A 30 -2.71 7.83 1.20
C ASP A 30 -1.86 8.34 0.01
N THR A 31 -1.04 9.34 0.27
CA THR A 31 -0.25 10.01 -0.78
C THR A 31 1.23 9.79 -0.51
N GLN A 32 1.90 9.08 -1.43
CA GLN A 32 3.35 8.93 -1.32
C GLN A 32 3.99 10.27 -1.62
N PHE A 33 5.01 10.63 -0.86
CA PHE A 33 5.66 11.91 -1.11
C PHE A 33 7.16 11.83 -1.29
N VAL A 34 7.80 10.76 -0.80
CA VAL A 34 9.24 10.60 -1.04
C VAL A 34 9.58 9.13 -1.25
N ARG A 35 10.74 8.88 -1.85
CA ARG A 35 11.24 7.51 -1.99
C ARG A 35 12.76 7.49 -2.02
N PHE A 36 13.32 6.36 -1.60
CA PHE A 36 14.71 6.06 -1.84
C PHE A 36 14.75 4.63 -2.31
N ASP A 37 15.48 4.37 -3.39
CA ASP A 37 15.67 2.99 -3.86
C ASP A 37 17.16 2.80 -4.07
N SER A 38 17.75 1.84 -3.35
CA SER A 38 19.19 1.57 -3.47
C SER A 38 19.62 1.19 -4.89
N ASP A 39 18.70 0.67 -5.71
CA ASP A 39 19.05 0.29 -7.09
C ASP A 39 19.05 1.50 -8.04
N ALA A 40 18.50 2.61 -7.61
CA ALA A 40 18.39 3.80 -8.47
C ALA A 40 19.73 4.51 -8.58
N ALA A 41 19.96 5.22 -9.69
CA ALA A 41 21.28 5.82 -9.91
C ALA A 41 21.60 7.04 -9.04
N SER A 42 20.57 7.76 -8.56
CA SER A 42 20.78 9.03 -7.86
C SER A 42 21.43 8.86 -6.48
N GLN A 43 21.10 7.77 -5.81
CA GLN A 43 21.47 7.59 -4.40
C GLN A 43 21.05 8.77 -3.53
N ARG A 44 19.86 9.30 -3.81
CA ARG A 44 19.27 10.43 -3.09
C ARG A 44 17.84 10.09 -2.73
N MET A 45 17.36 10.63 -1.61
CA MET A 45 15.92 10.70 -1.39
C MET A 45 15.34 11.57 -2.51
N GLU A 46 14.25 11.10 -3.09
CA GLU A 46 13.65 11.77 -4.23
CA GLU A 46 13.63 11.74 -4.26
C GLU A 46 12.20 12.15 -3.96
N PRO A 47 11.77 13.30 -4.50
CA PRO A 47 10.38 13.71 -4.30
C PRO A 47 9.38 12.90 -5.13
N ARG A 48 8.21 12.67 -4.57
CA ARG A 48 7.16 11.94 -5.27
C ARG A 48 5.79 12.67 -5.22
N ALA A 49 5.76 13.85 -4.63
CA ALA A 49 4.58 14.72 -4.67
C ALA A 49 5.03 16.15 -4.94
N PRO A 50 4.27 16.89 -5.76
CA PRO A 50 4.73 18.24 -6.10
C PRO A 50 4.95 19.16 -4.89
N TRP A 51 4.12 19.05 -3.85
CA TRP A 51 4.23 19.91 -2.66
C TRP A 51 5.48 19.67 -1.79
N ILE A 52 6.18 18.55 -1.96
CA ILE A 52 7.45 18.35 -1.26
C ILE A 52 8.64 19.01 -1.99
N GLU A 53 8.44 19.36 -3.26
CA GLU A 53 9.49 19.99 -4.08
C GLU A 53 9.82 21.41 -3.59
N GLN A 54 8.95 21.94 -2.72
CA GLN A 54 9.14 23.20 -2.00
C GLN A 54 10.34 23.18 -1.04
N GLU A 55 10.71 21.99 -0.56
CA GLU A 55 11.79 21.87 0.41
C GLU A 55 13.13 22.12 -0.26
N GLY A 56 13.99 22.85 0.44
CA GLY A 56 15.28 23.25 -0.07
C GLY A 56 16.32 22.14 -0.08
N PRO A 57 17.52 22.44 -0.60
CA PRO A 57 18.58 21.43 -0.69
C PRO A 57 19.00 20.86 0.66
N GLU A 58 18.90 21.64 1.73
CA GLU A 58 19.27 21.15 3.07
C GLU A 58 18.39 19.96 3.46
N TYR A 59 17.12 20.05 3.09
CA TYR A 59 16.16 18.96 3.36
C TYR A 59 16.58 17.69 2.63
N TRP A 60 16.89 17.81 1.34
CA TRP A 60 17.22 16.64 0.52
C TRP A 60 18.53 16.01 0.94
N ASP A 61 19.53 16.86 1.24
CA ASP A 61 20.79 16.36 1.79
C ASP A 61 20.57 15.61 3.10
N GLY A 62 19.73 16.18 3.98
CA GLY A 62 19.50 15.63 5.31
C GLY A 62 18.74 14.32 5.23
N GLU A 63 17.73 14.29 4.37
CA GLU A 63 16.89 13.08 4.23
C GLU A 63 17.68 11.96 3.59
N THR A 64 18.56 12.31 2.64
CA THR A 64 19.45 11.34 2.01
C THR A 64 20.41 10.70 3.03
N ARG A 65 21.04 11.54 3.86
CA ARG A 65 21.94 11.09 4.91
C ARG A 65 21.24 10.12 5.86
N LYS A 66 20.06 10.54 6.33
CA LYS A 66 19.30 9.74 7.30
C LYS A 66 18.82 8.43 6.68
N VAL A 67 18.34 8.48 5.44
CA VAL A 67 17.81 7.25 4.81
C VAL A 67 18.94 6.24 4.52
N LYS A 68 20.11 6.73 4.14
CA LYS A 68 21.28 5.86 3.97
C LYS A 68 21.73 5.22 5.28
N ALA A 69 21.64 5.97 6.37
CA ALA A 69 21.91 5.46 7.73
C ALA A 69 20.91 4.37 8.08
N HIS A 70 19.64 4.59 7.73
CA HIS A 70 18.60 3.58 7.94
C HIS A 70 18.98 2.29 7.18
N SER A 71 19.44 2.43 5.93
CA SER A 71 19.79 1.26 5.12
CA SER A 71 19.80 1.28 5.12
C SER A 71 20.94 0.45 5.75
N GLN A 72 21.93 1.15 6.30
CA GLN A 72 23.06 0.45 6.91
C GLN A 72 22.64 -0.30 8.17
N THR A 73 21.73 0.28 8.95
CA THR A 73 21.17 -0.40 10.11
C THR A 73 20.51 -1.72 9.72
N HIS A 74 19.71 -1.71 8.66
CA HIS A 74 19.09 -2.93 8.16
C HIS A 74 20.11 -3.95 7.66
N ARG A 75 21.19 -3.47 7.04
CA ARG A 75 22.23 -4.35 6.53
C ARG A 75 22.82 -5.16 7.70
N VAL A 76 23.17 -4.44 8.76
CA VAL A 76 23.73 -5.04 9.99
C VAL A 76 22.73 -6.04 10.59
N ASP A 77 21.48 -5.60 10.73
CA ASP A 77 20.41 -6.44 11.26
C ASP A 77 20.22 -7.75 10.50
N LEU A 78 20.27 -7.70 9.18
CA LEU A 78 20.13 -8.91 8.39
C LEU A 78 21.21 -9.94 8.79
N GLY A 79 22.44 -9.49 8.96
CA GLY A 79 23.54 -10.35 9.43
C GLY A 79 23.30 -10.89 10.83
N THR A 80 22.93 -9.99 11.74
CA THR A 80 22.64 -10.36 13.13
C THR A 80 21.52 -11.41 13.24
N LEU A 81 20.44 -11.18 12.50
CA LEU A 81 19.26 -12.06 12.52
C LEU A 81 19.52 -13.43 11.91
N ARG A 82 20.34 -13.47 10.85
CA ARG A 82 20.73 -14.71 10.20
C ARG A 82 21.40 -15.59 11.25
N GLY A 83 22.26 -14.98 12.06
CA GLY A 83 22.95 -15.66 13.15
C GLY A 83 22.04 -16.03 14.29
N TYR A 84 21.11 -15.14 14.65
CA TYR A 84 20.13 -15.41 15.72
C TYR A 84 19.26 -16.62 15.39
N TYR A 85 18.93 -16.80 14.12
CA TYR A 85 18.04 -17.87 13.68
C TYR A 85 18.72 -19.07 13.01
N ASN A 86 20.06 -19.11 13.11
CA ASN A 86 20.88 -20.20 12.56
C ASN A 86 20.59 -20.51 11.10
N GLN A 87 20.52 -19.45 10.29
CA GLN A 87 20.21 -19.59 8.88
C GLN A 87 21.48 -19.57 8.03
N SER A 88 21.43 -20.23 6.87
CA SER A 88 22.58 -20.29 5.97
C SER A 88 22.76 -19.00 5.18
N GLU A 89 23.92 -18.87 4.52
CA GLU A 89 24.22 -17.70 3.69
C GLU A 89 23.56 -17.77 2.33
N ALA A 90 22.94 -18.91 2.01
CA ALA A 90 22.41 -19.15 0.67
C ALA A 90 21.08 -18.46 0.39
N GLY A 91 20.27 -18.28 1.43
CA GLY A 91 18.91 -17.75 1.27
C GLY A 91 18.80 -16.25 1.35
N SER A 92 17.79 -15.72 0.68
CA SER A 92 17.44 -14.31 0.82
C SER A 92 16.51 -14.13 2.01
N HIS A 93 16.73 -13.07 2.78
CA HIS A 93 15.88 -12.74 3.92
C HIS A 93 15.46 -11.28 3.88
N THR A 94 14.46 -10.94 4.67
CA THR A 94 13.83 -9.62 4.57
C THR A 94 13.68 -9.00 5.94
N VAL A 95 13.99 -7.71 6.03
CA VAL A 95 13.61 -6.91 7.20
C VAL A 95 12.68 -5.82 6.73
N GLN A 96 11.64 -5.58 7.52
CA GLN A 96 10.72 -4.48 7.22
C GLN A 96 10.54 -3.64 8.49
N ARG A 97 10.47 -2.32 8.31
CA ARG A 97 10.23 -1.41 9.43
C ARG A 97 9.17 -0.40 8.98
N MET A 98 8.27 -0.06 9.88
CA MET A 98 7.32 1.02 9.63
C MET A 98 7.27 1.87 10.87
N TYR A 99 7.29 3.18 10.68
CA TYR A 99 7.02 4.09 11.78
C TYR A 99 6.30 5.34 11.34
N GLY A 100 5.69 6.01 12.31
CA GLY A 100 5.07 7.29 12.01
C GLY A 100 4.07 7.70 13.07
N CYS A 101 3.28 8.72 12.75
CA CYS A 101 2.37 9.34 13.72
C CYS A 101 0.99 9.62 13.14
N ASP A 102 -0.01 9.61 14.00
CA ASP A 102 -1.38 9.98 13.64
C ASP A 102 -1.71 11.23 14.40
N VAL A 103 -2.44 12.13 13.74
CA VAL A 103 -3.04 13.29 14.43
C VAL A 103 -4.54 13.29 14.23
N GLY A 104 -5.25 13.91 15.17
CA GLY A 104 -6.69 14.01 15.05
C GLY A 104 -7.13 15.18 14.20
N SER A 105 -8.43 15.46 14.21
CA SER A 105 -9.02 16.52 13.41
C SER A 105 -8.45 17.90 13.77
N ASP A 106 -7.92 18.01 14.99
CA ASP A 106 -7.27 19.23 15.50
C ASP A 106 -5.76 19.29 15.20
N TRP A 107 -5.27 18.29 14.46
CA TRP A 107 -3.84 18.18 14.09
C TRP A 107 -2.87 18.05 15.27
N ARG A 108 -3.39 17.60 16.42
CA ARG A 108 -2.56 17.30 17.57
C ARG A 108 -2.30 15.80 17.63
N PHE A 109 -1.16 15.44 18.19
CA PHE A 109 -0.77 14.04 18.38
C PHE A 109 -1.88 13.14 18.91
N LEU A 110 -2.09 12.02 18.22
CA LEU A 110 -3.03 10.99 18.66
C LEU A 110 -2.29 9.71 19.04
N ARG A 111 -1.44 9.22 18.13
CA ARG A 111 -0.82 7.91 18.30
C ARG A 111 0.48 7.88 17.53
N GLY A 112 1.40 7.06 18.02
CA GLY A 112 2.70 6.83 17.35
C GLY A 112 2.91 5.34 17.21
N TYR A 113 3.76 4.97 16.24
CA TYR A 113 4.01 3.57 15.90
C TYR A 113 5.46 3.40 15.51
N HIS A 114 6.04 2.25 15.86
CA HIS A 114 7.35 1.86 15.36
C HIS A 114 7.44 0.34 15.45
N GLN A 115 7.38 -0.31 14.31
CA GLN A 115 7.26 -1.78 14.25
C GLN A 115 8.30 -2.36 13.30
N TYR A 116 8.75 -3.58 13.61
CA TYR A 116 9.84 -4.21 12.90
C TYR A 116 9.50 -5.67 12.69
N ALA A 117 9.81 -6.19 11.49
CA ALA A 117 9.54 -7.59 11.14
C ALA A 117 10.73 -8.21 10.44
N TYR A 118 10.91 -9.51 10.68
CA TYR A 118 11.92 -10.29 10.01
C TYR A 118 11.21 -11.43 9.31
N ASP A 119 11.52 -11.58 8.03
CA ASP A 119 10.86 -12.55 7.14
C ASP A 119 9.34 -12.58 7.24
N GLY A 120 8.74 -11.39 7.31
CA GLY A 120 7.29 -11.21 7.27
C GLY A 120 6.56 -11.49 8.56
N LYS A 121 7.32 -11.69 9.62
CA LYS A 121 6.78 -11.98 10.94
C LYS A 121 7.21 -10.92 11.95
N ASP A 122 6.29 -10.58 12.83
CA ASP A 122 6.59 -9.66 13.93
C ASP A 122 7.90 -10.02 14.59
N TYR A 123 8.70 -8.98 14.85
CA TYR A 123 9.92 -9.13 15.61
C TYR A 123 9.86 -8.31 16.90
N ILE A 124 9.85 -6.98 16.76
CA ILE A 124 9.74 -6.11 17.92
C ILE A 124 8.90 -4.87 17.52
N ALA A 125 8.08 -4.38 18.43
CA ALA A 125 7.28 -3.19 18.16
C ALA A 125 7.19 -2.34 19.40
N LEU A 126 7.12 -1.02 19.19
CA LEU A 126 6.88 -0.11 20.30
C LEU A 126 5.42 -0.23 20.73
N LYS A 127 5.17 -0.30 22.03
CA LYS A 127 3.80 -0.32 22.55
CA LYS A 127 3.79 -0.34 22.51
C LYS A 127 3.13 1.04 22.39
N GLU A 128 1.80 1.07 22.49
CA GLU A 128 1.02 2.33 22.34
C GLU A 128 1.48 3.50 23.22
N ASP A 129 1.95 3.19 24.42
CA ASP A 129 2.42 4.23 25.34
C ASP A 129 3.78 4.84 24.96
N LEU A 130 4.44 4.24 23.95
CA LEU A 130 5.77 4.68 23.47
C LEU A 130 6.87 4.58 24.54
N ARG A 131 6.67 3.69 25.49
CA ARG A 131 7.57 3.57 26.63
C ARG A 131 8.20 2.18 26.76
N SER A 132 7.58 1.20 26.14
CA SER A 132 7.99 -0.19 26.26
C SER A 132 7.83 -0.94 24.95
N TRP A 133 8.34 -2.17 24.95
CA TRP A 133 8.44 -2.95 23.72
C TRP A 133 7.68 -4.26 23.80
N THR A 134 7.11 -4.66 22.66
CA THR A 134 6.55 -5.99 22.46
C THR A 134 7.56 -6.81 21.65
N ALA A 135 8.13 -7.84 22.25
CA ALA A 135 9.08 -8.73 21.57
C ALA A 135 8.43 -10.09 21.34
N ALA A 136 8.44 -10.57 20.11
CA ALA A 136 7.68 -11.77 19.73
C ALA A 136 8.31 -13.10 20.19
N ASP A 137 9.63 -13.13 20.29
CA ASP A 137 10.39 -14.34 20.58
C ASP A 137 11.69 -14.02 21.34
N MET A 138 12.49 -15.04 21.63
CA MET A 138 13.67 -14.79 22.47
C MET A 138 14.76 -13.95 21.79
N ALA A 139 14.87 -14.04 20.47
CA ALA A 139 15.81 -13.17 19.77
C ALA A 139 15.38 -11.72 19.98
N ALA A 140 14.10 -11.43 19.76
CA ALA A 140 13.56 -10.08 19.94
C ALA A 140 13.65 -9.62 21.39
N GLN A 141 13.58 -10.57 22.33
CA GLN A 141 13.76 -10.27 23.74
C GLN A 141 15.17 -9.75 24.03
N THR A 142 16.19 -10.36 23.41
CA THR A 142 17.57 -9.87 23.54
C THR A 142 17.69 -8.43 22.99
N THR A 143 17.06 -8.18 21.84
CA THR A 143 16.98 -6.82 21.28
C THR A 143 16.29 -5.86 22.25
N LYS A 144 15.15 -6.26 22.82
CA LYS A 144 14.44 -5.44 23.78
C LYS A 144 15.37 -5.00 24.91
N HIS A 145 16.12 -5.95 25.46
CA HIS A 145 17.03 -5.62 26.55
C HIS A 145 18.10 -4.62 26.10
N LYS A 146 18.66 -4.84 24.91
CA LYS A 146 19.66 -3.93 24.32
C LYS A 146 19.08 -2.53 24.16
N TRP A 147 17.86 -2.46 23.64
CA TRP A 147 17.18 -1.18 23.37
C TRP A 147 16.71 -0.47 24.63
N GLU A 148 16.41 -1.24 25.68
CA GLU A 148 16.05 -0.67 26.98
C GLU A 148 17.25 0.00 27.62
N ALA A 149 18.40 -0.69 27.62
CA ALA A 149 19.64 -0.13 28.16
C ALA A 149 20.10 1.11 27.40
N ALA A 150 19.82 1.16 26.09
CA ALA A 150 20.20 2.30 25.24
C ALA A 150 19.12 3.39 25.11
N HIS A 151 18.01 3.22 25.84
CA HIS A 151 16.91 4.20 25.88
C HIS A 151 16.36 4.57 24.50
N VAL A 152 16.15 3.56 23.67
CA VAL A 152 15.69 3.77 22.29
C VAL A 152 14.25 4.30 22.29
N ALA A 153 13.40 3.75 23.16
CA ALA A 153 12.00 4.15 23.23
C ALA A 153 11.86 5.65 23.53
N GLU A 154 12.71 6.17 24.41
CA GLU A 154 12.72 7.58 24.75
C GLU A 154 13.02 8.48 23.53
N GLN A 155 13.99 8.05 22.72
CA GLN A 155 14.37 8.75 21.50
C GLN A 155 13.23 8.74 20.49
N LEU A 156 12.61 7.57 20.32
CA LEU A 156 11.47 7.45 19.40
C LEU A 156 10.25 8.24 19.86
N ARG A 157 9.97 8.22 21.16
CA ARG A 157 8.82 8.95 21.69
C ARG A 157 8.93 10.44 21.40
N ALA A 158 10.15 10.97 21.55
CA ALA A 158 10.44 12.39 21.27
C ALA A 158 10.17 12.73 19.80
N TYR A 159 10.63 11.87 18.89
CA TYR A 159 10.37 12.06 17.45
C TYR A 159 8.88 11.95 17.14
N LEU A 160 8.25 10.88 17.61
CA LEU A 160 6.86 10.58 17.25
C LEU A 160 5.85 11.60 17.77
N GLU A 161 6.10 12.13 18.98
CA GLU A 161 5.23 13.11 19.62
C GLU A 161 5.53 14.54 19.21
N GLY A 162 6.75 14.78 18.76
CA GLY A 162 7.23 16.12 18.43
C GLY A 162 7.47 16.30 16.94
N THR A 163 8.68 15.98 16.51
CA THR A 163 9.15 16.17 15.14
C THR A 163 8.18 15.64 14.08
N CYS A 164 7.68 14.42 14.30
CA CYS A 164 6.80 13.78 13.34
C CYS A 164 5.52 14.58 13.10
N VAL A 165 4.91 15.04 14.19
CA VAL A 165 3.68 15.80 14.08
CA VAL A 165 3.69 15.85 14.17
C VAL A 165 3.95 17.21 13.54
N GLU A 166 5.05 17.82 13.95
CA GLU A 166 5.44 19.15 13.47
C GLU A 166 5.59 19.14 11.94
N TRP A 167 6.27 18.13 11.43
CA TRP A 167 6.50 18.05 10.00
C TRP A 167 5.27 17.60 9.23
N LEU A 168 4.46 16.70 9.80
CA LEU A 168 3.15 16.37 9.25
C LEU A 168 2.29 17.65 9.07
N ARG A 169 2.23 18.49 10.09
CA ARG A 169 1.45 19.73 9.99
CA ARG A 169 1.49 19.77 10.05
C ARG A 169 2.01 20.66 8.90
N ARG A 170 3.33 20.71 8.76
CA ARG A 170 3.96 21.48 7.69
C ARG A 170 3.56 20.98 6.32
N TYR A 171 3.64 19.66 6.13
CA TYR A 171 3.24 19.06 4.87
C TYR A 171 1.77 19.29 4.55
N LEU A 172 0.91 19.20 5.56
CA LEU A 172 -0.52 19.39 5.38
C LEU A 172 -0.82 20.81 4.88
N GLU A 173 -0.11 21.79 5.42
CA GLU A 173 -0.23 23.19 4.98
C GLU A 173 0.28 23.37 3.55
N ASN A 174 1.52 22.96 3.30
CA ASN A 174 2.14 23.07 1.98
C ASN A 174 1.40 22.35 0.86
N GLY A 175 0.86 21.16 1.15
CA GLY A 175 0.07 20.41 0.18
C GLY A 175 -1.43 20.55 0.32
N LYS A 176 -1.88 21.67 0.90
CA LYS A 176 -3.30 21.82 1.26
C LYS A 176 -4.27 21.57 0.10
N GLU A 177 -3.90 21.98 -1.10
CA GLU A 177 -4.77 21.89 -2.26
C GLU A 177 -5.22 20.47 -2.58
N THR A 178 -4.36 19.49 -2.28
CA THR A 178 -4.66 18.06 -2.48
C THR A 178 -4.82 17.32 -1.16
N LEU A 179 -3.91 17.54 -0.20
CA LEU A 179 -3.88 16.77 1.04
C LEU A 179 -5.07 17.03 1.94
N GLN A 180 -5.60 18.25 1.89
CA GLN A 180 -6.77 18.61 2.69
C GLN A 180 -8.08 18.56 1.92
N ARG A 181 -8.00 18.07 0.68
CA ARG A 181 -9.15 17.94 -0.19
C ARG A 181 -9.63 16.50 -0.17
N THR A 182 -10.92 16.31 0.03
CA THR A 182 -11.51 14.99 -0.12
C THR A 182 -12.16 14.88 -1.49
N ASP A 183 -11.98 13.73 -2.15
CA ASP A 183 -12.60 13.48 -3.44
C ASP A 183 -13.69 12.43 -3.28
N ALA A 184 -14.94 12.85 -3.39
CA ALA A 184 -16.05 11.91 -3.21
C ALA A 184 -16.07 10.88 -4.34
N PRO A 185 -16.49 9.63 -4.02
CA PRO A 185 -16.57 8.62 -5.05
C PRO A 185 -17.57 8.95 -6.15
N LYS A 186 -17.16 8.71 -7.39
CA LYS A 186 -18.07 8.73 -8.54
C LYS A 186 -18.64 7.31 -8.70
N THR A 187 -19.96 7.20 -8.57
CA THR A 187 -20.61 5.89 -8.45
C THR A 187 -21.50 5.57 -9.63
N HIS A 188 -21.51 4.31 -10.02
CA HIS A 188 -22.49 3.80 -11.00
C HIS A 188 -22.70 2.31 -10.74
N MET A 189 -23.69 1.75 -11.43
CA MET A 189 -24.03 0.34 -11.31
C MET A 189 -24.09 -0.29 -12.68
N THR A 190 -23.52 -1.49 -12.80
CA THR A 190 -23.61 -2.27 -14.02
C THR A 190 -24.42 -3.55 -13.77
N HIS A 191 -24.92 -4.10 -14.87
CA HIS A 191 -25.76 -5.30 -14.84
C HIS A 191 -25.24 -6.30 -15.86
N HIS A 192 -25.22 -7.57 -15.47
CA HIS A 192 -24.87 -8.64 -16.40
C HIS A 192 -25.72 -9.87 -16.12
N ALA A 193 -26.20 -10.51 -17.18
CA ALA A 193 -26.95 -11.75 -17.05
C ALA A 193 -25.99 -12.94 -17.18
N VAL A 194 -26.00 -13.84 -16.20
CA VAL A 194 -25.18 -15.06 -16.34
C VAL A 194 -25.96 -16.17 -17.07
N SER A 195 -27.28 -16.18 -16.87
CA SER A 195 -28.20 -17.11 -17.50
C SER A 195 -29.58 -16.44 -17.57
N ASP A 196 -30.61 -17.20 -17.95
CA ASP A 196 -31.97 -16.65 -18.01
C ASP A 196 -32.56 -16.37 -16.62
N HIS A 197 -31.96 -16.92 -15.58
CA HIS A 197 -32.55 -16.83 -14.24
C HIS A 197 -31.72 -16.04 -13.21
N GLU A 198 -30.47 -15.73 -13.54
CA GLU A 198 -29.52 -15.15 -12.59
C GLU A 198 -28.94 -13.89 -13.21
N ALA A 199 -28.73 -12.86 -12.39
CA ALA A 199 -28.10 -11.62 -12.84
C ALA A 199 -27.11 -11.12 -11.81
N THR A 200 -26.07 -10.41 -12.25
CA THR A 200 -25.10 -9.78 -11.35
C THR A 200 -25.27 -8.27 -11.41
N LEU A 201 -25.41 -7.63 -10.25
CA LEU A 201 -25.40 -6.17 -10.14
C LEU A 201 -24.05 -5.79 -9.55
N ARG A 202 -23.35 -4.86 -10.18
CA ARG A 202 -22.04 -4.42 -9.65
C ARG A 202 -22.08 -2.92 -9.38
N CYS A 203 -21.84 -2.56 -8.13
CA CYS A 203 -21.82 -1.17 -7.68
C CYS A 203 -20.38 -0.67 -7.60
N TRP A 204 -20.10 0.39 -8.36
CA TRP A 204 -18.76 0.90 -8.57
C TRP A 204 -18.56 2.22 -7.83
N ALA A 205 -17.37 2.39 -7.25
CA ALA A 205 -16.93 3.66 -6.69
C ALA A 205 -15.56 3.95 -7.31
N LEU A 206 -15.45 5.12 -7.95
CA LEU A 206 -14.24 5.46 -8.67
C LEU A 206 -13.79 6.84 -8.28
N SER A 207 -12.48 7.08 -8.48
CA SER A 207 -11.92 8.44 -8.35
CA SER A 207 -11.88 8.41 -8.35
C SER A 207 -12.00 9.05 -6.96
N PHE A 208 -11.96 8.23 -5.90
CA PHE A 208 -12.14 8.77 -4.57
C PHE A 208 -10.82 8.88 -3.79
N TYR A 209 -10.80 9.76 -2.80
CA TYR A 209 -9.64 10.00 -1.94
C TYR A 209 -10.17 10.62 -0.65
N PRO A 210 -9.74 10.11 0.53
CA PRO A 210 -8.77 9.05 0.75
C PRO A 210 -9.36 7.68 0.41
N ALA A 211 -8.55 6.65 0.61
CA ALA A 211 -8.87 5.27 0.23
C ALA A 211 -9.99 4.63 1.05
N GLU A 212 -10.16 5.05 2.31
CA GLU A 212 -11.19 4.48 3.19
C GLU A 212 -12.60 4.69 2.62
N ILE A 213 -13.34 3.60 2.51
CA ILE A 213 -14.68 3.61 1.93
C ILE A 213 -15.42 2.36 2.40
N THR A 214 -16.74 2.45 2.47
CA THR A 214 -17.61 1.30 2.72
CA THR A 214 -17.56 1.26 2.66
C THR A 214 -18.66 1.20 1.62
N LEU A 215 -18.77 0.04 1.00
CA LEU A 215 -19.79 -0.23 0.00
C LEU A 215 -20.54 -1.45 0.48
N THR A 216 -21.86 -1.33 0.61
CA THR A 216 -22.69 -2.45 1.05
C THR A 216 -23.96 -2.56 0.21
N TRP A 217 -24.50 -3.77 0.14
CA TRP A 217 -25.78 -4.02 -0.50
C TRP A 217 -26.85 -4.22 0.56
N GLN A 218 -28.06 -3.76 0.24
CA GLN A 218 -29.26 -4.07 1.03
C GLN A 218 -30.28 -4.72 0.11
N ARG A 219 -31.14 -5.54 0.68
CA ARG A 219 -32.26 -6.09 -0.05
C ARG A 219 -33.49 -5.79 0.76
N ASP A 220 -34.45 -5.14 0.11
CA ASP A 220 -35.68 -4.69 0.75
C ASP A 220 -35.39 -3.89 2.03
N GLY A 221 -34.29 -3.14 2.02
CA GLY A 221 -33.89 -2.29 3.14
C GLY A 221 -33.08 -2.93 4.25
N GLU A 222 -32.73 -4.20 4.11
CA GLU A 222 -31.89 -4.89 5.10
C GLU A 222 -30.58 -5.43 4.51
N ASP A 223 -29.52 -5.42 5.32
CA ASP A 223 -28.18 -5.80 4.84
C ASP A 223 -28.11 -7.21 4.23
N GLN A 224 -27.47 -7.26 3.06
CA GLN A 224 -27.26 -8.49 2.32
C GLN A 224 -25.75 -8.75 2.18
N THR A 225 -25.27 -9.84 2.78
CA THR A 225 -23.86 -10.25 2.60
C THR A 225 -23.74 -11.53 1.78
N GLN A 226 -24.73 -12.41 1.87
CA GLN A 226 -24.73 -13.62 1.07
CA GLN A 226 -24.78 -13.64 1.08
C GLN A 226 -24.82 -13.31 -0.40
N ASP A 227 -24.12 -14.11 -1.21
CA ASP A 227 -24.11 -13.94 -2.66
C ASP A 227 -23.52 -12.60 -3.09
N THR A 228 -22.63 -12.05 -2.27
CA THR A 228 -21.92 -10.82 -2.64
C THR A 228 -20.43 -11.07 -2.83
N GLU A 229 -19.80 -10.17 -3.56
CA GLU A 229 -18.35 -10.18 -3.74
C GLU A 229 -17.85 -8.75 -3.61
N LEU A 230 -16.85 -8.54 -2.75
CA LEU A 230 -16.29 -7.21 -2.48
C LEU A 230 -14.80 -7.25 -2.79
N VAL A 231 -14.36 -6.49 -3.82
CA VAL A 231 -12.92 -6.46 -4.17
C VAL A 231 -12.17 -5.52 -3.25
N GLU A 232 -10.88 -5.81 -3.07
CA GLU A 232 -9.99 -4.95 -2.30
C GLU A 232 -9.90 -3.58 -2.98
N THR A 233 -9.89 -2.52 -2.17
CA THR A 233 -9.67 -1.15 -2.68
C THR A 233 -8.32 -1.09 -3.40
N ARG A 234 -8.32 -0.47 -4.57
CA ARG A 234 -7.17 -0.51 -5.47
C ARG A 234 -6.84 0.88 -5.95
N PRO A 235 -5.54 1.14 -6.18
CA PRO A 235 -5.16 2.45 -6.69
C PRO A 235 -5.47 2.62 -8.18
N ALA A 236 -5.99 3.78 -8.53
CA ALA A 236 -6.21 4.10 -9.95
C ALA A 236 -4.90 4.38 -10.65
N GLY A 237 -3.91 4.90 -9.92
CA GLY A 237 -2.61 5.26 -10.52
C GLY A 237 -2.43 6.77 -10.69
N ASP A 238 -3.50 7.52 -10.45
CA ASP A 238 -3.50 9.00 -10.50
C ASP A 238 -3.70 9.64 -9.13
N GLY A 239 -3.47 8.85 -8.09
CA GLY A 239 -3.60 9.28 -6.71
C GLY A 239 -4.95 8.96 -6.08
N THR A 240 -5.92 8.55 -6.90
CA THR A 240 -7.25 8.21 -6.38
C THR A 240 -7.40 6.69 -6.30
N PHE A 241 -8.54 6.25 -5.75
CA PHE A 241 -8.80 4.83 -5.53
C PHE A 241 -10.11 4.37 -6.15
N GLN A 242 -10.27 3.06 -6.28
CA GLN A 242 -11.42 2.43 -6.89
C GLN A 242 -11.84 1.24 -6.01
N LYS A 243 -13.13 0.92 -6.03
CA LYS A 243 -13.63 -0.30 -5.38
C LYS A 243 -14.96 -0.66 -6.03
N TRP A 244 -15.30 -1.94 -6.01
CA TRP A 244 -16.65 -2.33 -6.35
C TRP A 244 -17.16 -3.43 -5.44
N VAL A 245 -18.48 -3.57 -5.39
CA VAL A 245 -19.12 -4.68 -4.70
C VAL A 245 -20.24 -5.21 -5.59
N ALA A 246 -20.38 -6.53 -5.65
CA ALA A 246 -21.38 -7.14 -6.54
C ALA A 246 -22.29 -8.07 -5.78
N VAL A 247 -23.49 -8.26 -6.32
CA VAL A 247 -24.48 -9.16 -5.74
C VAL A 247 -25.12 -9.96 -6.88
N VAL A 248 -25.36 -11.24 -6.61
CA VAL A 248 -26.09 -12.11 -7.53
C VAL A 248 -27.55 -12.11 -7.11
N VAL A 249 -28.42 -11.84 -8.07
CA VAL A 249 -29.87 -11.69 -7.81
C VAL A 249 -30.74 -12.47 -8.82
N PRO A 250 -31.94 -12.88 -8.42
CA PRO A 250 -32.79 -13.51 -9.41
C PRO A 250 -33.17 -12.49 -10.48
N SER A 251 -33.02 -12.86 -11.75
CA SER A 251 -33.43 -11.96 -12.83
C SER A 251 -34.87 -11.49 -12.61
N GLY A 252 -35.07 -10.19 -12.76
CA GLY A 252 -36.38 -9.57 -12.53
C GLY A 252 -36.56 -8.95 -11.17
N GLN A 253 -35.66 -9.28 -10.24
CA GLN A 253 -35.77 -8.78 -8.87
C GLN A 253 -34.76 -7.68 -8.52
N GLU A 254 -34.13 -7.12 -9.55
CA GLU A 254 -33.11 -6.08 -9.36
C GLU A 254 -33.54 -4.91 -8.48
N GLN A 255 -34.82 -4.52 -8.55
CA GLN A 255 -35.33 -3.34 -7.86
C GLN A 255 -35.35 -3.48 -6.33
N ARG A 256 -35.26 -4.71 -5.83
CA ARG A 256 -35.18 -4.95 -4.39
C ARG A 256 -33.84 -4.53 -3.80
N TYR A 257 -32.84 -4.39 -4.66
CA TYR A 257 -31.46 -4.28 -4.20
C TYR A 257 -30.95 -2.85 -4.32
N THR A 258 -30.33 -2.36 -3.25
CA THR A 258 -29.76 -1.02 -3.23
C THR A 258 -28.31 -1.09 -2.73
N CYS A 259 -27.45 -0.29 -3.34
CA CYS A 259 -26.05 -0.18 -2.94
C CYS A 259 -25.88 1.12 -2.12
N HIS A 260 -25.13 1.02 -1.04
CA HIS A 260 -24.93 2.11 -0.10
C HIS A 260 -23.46 2.46 0.04
N VAL A 261 -23.14 3.73 -0.13
CA VAL A 261 -21.74 4.16 -0.19
C VAL A 261 -21.48 5.17 0.91
N GLN A 262 -20.48 4.90 1.71
CA GLN A 262 -20.03 5.84 2.73
C GLN A 262 -18.59 6.25 2.48
N HIS A 263 -18.34 7.56 2.50
CA HIS A 263 -17.01 8.10 2.29
C HIS A 263 -16.91 9.49 2.94
N GLU A 264 -15.73 9.82 3.43
CA GLU A 264 -15.46 11.14 4.06
C GLU A 264 -15.92 12.30 3.18
N GLY A 265 -15.82 12.13 1.86
CA GLY A 265 -16.16 13.17 0.89
C GLY A 265 -17.63 13.34 0.63
N LEU A 266 -18.44 12.51 1.27
CA LEU A 266 -19.91 12.55 1.18
C LEU A 266 -20.51 12.96 2.53
N PRO A 267 -21.24 14.09 2.57
CA PRO A 267 -21.86 14.57 3.81
C PRO A 267 -22.87 13.57 4.41
N LYS A 268 -23.61 12.90 3.53
CA LYS A 268 -24.50 11.82 3.92
C LYS A 268 -24.23 10.63 2.99
N PRO A 269 -24.37 9.39 3.50
CA PRO A 269 -24.18 8.22 2.64
C PRO A 269 -25.07 8.25 1.39
N LEU A 270 -24.55 7.69 0.29
CA LEU A 270 -25.24 7.67 -1.00
C LEU A 270 -25.95 6.33 -1.20
N THR A 271 -27.08 6.34 -1.92
CA THR A 271 -27.82 5.12 -2.35
C THR A 271 -27.93 5.00 -3.90
N LEU A 272 -27.61 3.82 -4.43
CA LEU A 272 -27.82 3.55 -5.86
C LEU A 272 -28.78 2.39 -6.05
N ARG A 273 -29.55 2.47 -7.15
CA ARG A 273 -30.51 1.45 -7.55
C ARG A 273 -30.35 1.18 -9.04
N TRP A 274 -30.68 -0.03 -9.46
CA TRP A 274 -30.68 -0.35 -10.89
C TRP A 274 -31.92 0.29 -11.52
N GLU A 275 -31.69 1.17 -12.50
CA GLU A 275 -32.77 1.93 -13.14
C GLU A 275 -33.14 1.36 -14.50
N MET B 1 10.32 -20.08 6.47
CA MET B 1 9.98 -18.91 5.59
C MET B 1 8.48 -18.88 5.34
N ILE B 2 7.84 -17.78 5.74
CA ILE B 2 6.43 -17.55 5.41
C ILE B 2 6.31 -17.26 3.93
N GLN B 3 5.27 -17.82 3.31
CA GLN B 3 4.98 -17.56 1.92
C GLN B 3 3.51 -17.19 1.78
N ARG B 4 3.25 -16.05 1.16
CA ARG B 4 1.89 -15.58 0.93
CA ARG B 4 1.90 -15.58 0.93
C ARG B 4 1.72 -15.29 -0.56
N THR B 5 0.65 -15.86 -1.14
CA THR B 5 0.45 -15.75 -2.58
CA THR B 5 0.36 -15.80 -2.57
C THR B 5 -0.21 -14.43 -2.98
N PRO B 6 0.21 -13.88 -4.13
CA PRO B 6 -0.38 -12.58 -4.49
C PRO B 6 -1.84 -12.64 -4.92
N LYS B 7 -2.61 -11.63 -4.49
CA LYS B 7 -3.92 -11.34 -5.05
C LYS B 7 -3.62 -10.47 -6.27
N ILE B 8 -4.45 -10.58 -7.30
CA ILE B 8 -4.22 -9.90 -8.57
C ILE B 8 -5.50 -9.22 -9.01
N GLN B 9 -5.41 -7.94 -9.37
CA GLN B 9 -6.50 -7.28 -10.11
C GLN B 9 -5.91 -6.59 -11.34
N VAL B 10 -6.62 -6.75 -12.44
CA VAL B 10 -6.29 -6.11 -13.71
CA VAL B 10 -6.27 -6.07 -13.69
C VAL B 10 -7.43 -5.19 -14.14
N TYR B 11 -7.10 -3.96 -14.45
CA TYR B 11 -8.13 -2.95 -14.67
C TYR B 11 -7.54 -1.70 -15.30
N SER B 12 -8.40 -0.81 -15.80
CA SER B 12 -7.94 0.49 -16.32
C SER B 12 -8.05 1.64 -15.30
N ARG B 13 -7.17 2.62 -15.46
CA ARG B 13 -7.13 3.82 -14.60
C ARG B 13 -8.42 4.63 -14.72
N HIS B 14 -8.85 4.85 -15.97
CA HIS B 14 -10.07 5.59 -16.27
C HIS B 14 -11.06 4.66 -16.97
N PRO B 15 -12.33 5.06 -17.02
CA PRO B 15 -13.34 4.27 -17.76
C PRO B 15 -12.86 3.96 -19.18
N ALA B 16 -12.96 2.69 -19.57
CA ALA B 16 -12.36 2.24 -20.81
C ALA B 16 -13.23 2.54 -22.01
N GLU B 17 -12.67 3.28 -22.96
CA GLU B 17 -13.35 3.57 -24.23
C GLU B 17 -12.41 3.47 -25.42
N ASN B 18 -12.88 2.84 -26.49
CA ASN B 18 -12.06 2.66 -27.69
C ASN B 18 -11.57 3.98 -28.27
N GLY B 19 -10.30 4.02 -28.65
CA GLY B 19 -9.68 5.22 -29.20
C GLY B 19 -9.28 6.29 -28.22
N LYS B 20 -9.54 6.05 -26.93
CA LYS B 20 -9.21 7.04 -25.92
C LYS B 20 -8.09 6.56 -25.01
N SER B 21 -6.97 7.27 -25.06
CA SER B 21 -5.77 6.92 -24.29
C SER B 21 -6.08 6.71 -22.80
N ASN B 22 -5.41 5.74 -22.18
CA ASN B 22 -5.77 5.29 -20.83
C ASN B 22 -4.53 4.62 -20.24
N PHE B 23 -4.68 4.02 -19.06
CA PHE B 23 -3.61 3.23 -18.45
C PHE B 23 -4.16 1.89 -18.05
N LEU B 24 -3.41 0.85 -18.37
CA LEU B 24 -3.77 -0.51 -17.94
C LEU B 24 -2.95 -0.83 -16.71
N ASN B 25 -3.65 -1.26 -15.67
CA ASN B 25 -3.06 -1.56 -14.36
C ASN B 25 -3.09 -3.03 -14.01
N CYS B 26 -2.04 -3.48 -13.34
CA CYS B 26 -2.04 -4.75 -12.63
C CYS B 26 -1.60 -4.49 -11.20
N TYR B 27 -2.54 -4.68 -10.30
CA TYR B 27 -2.28 -4.45 -8.89
C TYR B 27 -2.08 -5.80 -8.22
N VAL B 28 -0.89 -5.98 -7.65
CA VAL B 28 -0.58 -7.21 -6.91
C VAL B 28 -0.40 -6.91 -5.44
N SER B 29 -1.01 -7.73 -4.60
CA SER B 29 -1.00 -7.42 -3.17
C SER B 29 -1.08 -8.67 -2.34
N GLY B 30 -0.75 -8.50 -1.07
CA GLY B 30 -0.89 -9.58 -0.07
C GLY B 30 0.15 -10.65 -0.18
N PHE B 31 1.28 -10.35 -0.80
CA PHE B 31 2.30 -11.37 -1.06
C PHE B 31 3.56 -11.22 -0.21
N HIS B 32 4.27 -12.35 -0.05
CA HIS B 32 5.52 -12.37 0.70
C HIS B 32 6.20 -13.68 0.29
N PRO B 33 7.50 -13.64 -0.06
CA PRO B 33 8.45 -12.52 -0.09
C PRO B 33 8.21 -11.54 -1.23
N SER B 34 9.02 -10.48 -1.27
CA SER B 34 8.76 -9.37 -2.17
C SER B 34 9.13 -9.63 -3.62
N ASP B 35 9.99 -10.61 -3.89
CA ASP B 35 10.35 -10.90 -5.27
C ASP B 35 9.13 -11.40 -6.06
N ILE B 36 8.82 -10.73 -7.17
CA ILE B 36 7.65 -11.05 -7.99
C ILE B 36 7.91 -10.63 -9.44
N GLU B 37 7.33 -11.38 -10.37
CA GLU B 37 7.44 -11.06 -11.78
C GLU B 37 6.05 -10.73 -12.29
N VAL B 38 5.88 -9.53 -12.83
CA VAL B 38 4.60 -9.09 -13.36
C VAL B 38 4.79 -8.58 -14.78
N ASP B 39 4.08 -9.17 -15.74
CA ASP B 39 4.03 -8.64 -17.10
C ASP B 39 2.62 -8.26 -17.48
N LEU B 40 2.49 -7.19 -18.26
CA LEU B 40 1.24 -6.87 -18.91
C LEU B 40 1.33 -7.40 -20.33
N LEU B 41 0.25 -8.02 -20.80
CA LEU B 41 0.23 -8.66 -22.10
C LEU B 41 -0.78 -8.01 -23.03
N LYS B 42 -0.39 -7.84 -24.29
CA LYS B 42 -1.28 -7.37 -25.35
C LYS B 42 -1.38 -8.49 -26.38
N ASN B 43 -2.57 -9.08 -26.49
CA ASN B 43 -2.79 -10.24 -27.37
C ASN B 43 -1.78 -11.36 -27.14
N GLY B 44 -1.52 -11.65 -25.87
CA GLY B 44 -0.59 -12.71 -25.46
C GLY B 44 0.88 -12.34 -25.45
N GLU B 45 1.22 -11.15 -25.96
CA GLU B 45 2.60 -10.71 -26.07
C GLU B 45 2.95 -9.70 -24.98
N ARG B 46 4.13 -9.88 -24.40
CA ARG B 46 4.62 -9.02 -23.33
C ARG B 46 4.78 -7.58 -23.81
N ILE B 47 4.23 -6.64 -23.04
CA ILE B 47 4.37 -5.21 -23.29
C ILE B 47 5.71 -4.75 -22.69
N GLU B 48 6.48 -3.99 -23.47
CA GLU B 48 7.83 -3.59 -23.05
C GLU B 48 7.87 -2.36 -22.13
N LYS B 49 6.98 -1.39 -22.38
CA LYS B 49 7.02 -0.15 -21.64
C LYS B 49 6.10 -0.26 -20.42
N VAL B 50 6.58 -0.92 -19.36
CA VAL B 50 5.81 -1.08 -18.12
C VAL B 50 6.55 -0.54 -16.91
N GLU B 51 5.87 0.29 -16.13
CA GLU B 51 6.47 0.89 -14.94
C GLU B 51 5.79 0.30 -13.72
N HIS B 52 6.39 0.49 -12.56
CA HIS B 52 5.74 0.06 -11.34
C HIS B 52 6.00 0.99 -10.18
N SER B 53 5.11 0.91 -9.19
CA SER B 53 5.20 1.69 -7.97
C SER B 53 6.38 1.25 -7.09
N ASP B 54 6.70 2.08 -6.11
CA ASP B 54 7.74 1.75 -5.16
C ASP B 54 7.16 0.76 -4.16
N LEU B 55 7.90 -0.32 -3.92
CA LEU B 55 7.47 -1.37 -3.01
C LEU B 55 7.07 -0.83 -1.63
N SER B 56 5.87 -1.20 -1.22
CA SER B 56 5.42 -0.89 0.12
C SER B 56 4.70 -2.09 0.68
N PHE B 57 4.17 -1.95 1.90
CA PHE B 57 3.51 -3.08 2.54
C PHE B 57 2.42 -2.61 3.49
N SER B 58 1.54 -3.57 3.79
CA SER B 58 0.37 -3.36 4.62
CA SER B 58 0.39 -3.31 4.64
C SER B 58 0.73 -3.66 6.08
N LYS B 59 -0.21 -3.40 6.98
CA LYS B 59 -0.02 -3.68 8.40
C LYS B 59 0.41 -5.11 8.72
N ASP B 60 -0.12 -6.09 7.98
CA ASP B 60 0.24 -7.50 8.18
C ASP B 60 1.58 -7.90 7.56
N TRP B 61 2.31 -6.89 7.06
CA TRP B 61 3.63 -7.03 6.42
C TRP B 61 3.63 -7.52 4.96
N SER B 62 2.45 -7.81 4.41
CA SER B 62 2.40 -8.28 3.04
C SER B 62 2.60 -7.11 2.06
N PHE B 63 3.25 -7.42 0.95
CA PHE B 63 3.66 -6.41 -0.02
C PHE B 63 2.59 -6.09 -1.03
N TYR B 64 2.67 -4.91 -1.60
CA TYR B 64 1.81 -4.55 -2.73
C TYR B 64 2.59 -3.67 -3.72
N LEU B 65 2.24 -3.85 -4.99
CA LEU B 65 2.81 -3.12 -6.13
C LEU B 65 1.76 -2.86 -7.18
N LEU B 66 1.85 -1.70 -7.83
CA LEU B 66 1.05 -1.41 -8.99
C LEU B 66 1.96 -1.38 -10.22
N TYR B 67 1.63 -2.18 -11.21
CA TYR B 67 2.32 -2.18 -12.52
C TYR B 67 1.37 -1.53 -13.52
N TYR B 68 1.91 -0.70 -14.40
CA TYR B 68 1.04 0.08 -15.28
C TYR B 68 1.69 0.47 -16.60
N THR B 69 0.87 0.63 -17.62
CA THR B 69 1.33 1.05 -18.93
C THR B 69 0.26 1.86 -19.63
N GLU B 70 0.69 2.85 -20.40
CA GLU B 70 -0.25 3.61 -21.22
C GLU B 70 -0.72 2.74 -22.37
N PHE B 71 -2.02 2.79 -22.65
CA PHE B 71 -2.60 2.04 -23.75
C PHE B 71 -3.84 2.74 -24.29
N THR B 72 -4.15 2.49 -25.56
CA THR B 72 -5.39 2.97 -26.14
C THR B 72 -6.20 1.75 -26.51
N PRO B 73 -7.31 1.50 -25.79
CA PRO B 73 -8.15 0.34 -26.06
C PRO B 73 -8.74 0.38 -27.47
N THR B 74 -8.91 -0.79 -28.06
CA THR B 74 -9.61 -0.96 -29.33
C THR B 74 -10.58 -2.11 -29.17
N GLU B 75 -11.51 -2.25 -30.12
CA GLU B 75 -12.49 -3.33 -30.07
C GLU B 75 -11.81 -4.70 -30.00
N LYS B 76 -10.76 -4.89 -30.80
CA LYS B 76 -10.17 -6.22 -31.00
C LYS B 76 -9.03 -6.64 -30.05
N ASP B 77 -8.30 -5.68 -29.49
CA ASP B 77 -7.15 -5.99 -28.65
C ASP B 77 -7.55 -6.56 -27.28
N GLU B 78 -6.94 -7.68 -26.91
CA GLU B 78 -7.18 -8.24 -25.58
C GLU B 78 -5.96 -8.05 -24.69
N TYR B 79 -6.21 -7.77 -23.41
CA TYR B 79 -5.13 -7.50 -22.47
C TYR B 79 -5.21 -8.42 -21.27
N ALA B 80 -4.05 -8.66 -20.66
CA ALA B 80 -3.94 -9.53 -19.49
C ALA B 80 -2.73 -9.17 -18.63
N CYS B 81 -2.70 -9.71 -17.42
CA CYS B 81 -1.55 -9.59 -16.55
C CYS B 81 -1.06 -11.01 -16.25
N ARG B 82 0.24 -11.20 -16.32
CA ARG B 82 0.85 -12.50 -16.02
C ARG B 82 1.77 -12.34 -14.82
N VAL B 83 1.52 -13.12 -13.76
CA VAL B 83 2.22 -12.99 -12.51
C VAL B 83 2.90 -14.31 -12.12
N ASN B 84 4.17 -14.22 -11.77
CA ASN B 84 4.88 -15.35 -11.20
C ASN B 84 5.45 -14.97 -9.84
N HIS B 85 5.45 -15.93 -8.93
CA HIS B 85 5.88 -15.73 -7.56
C HIS B 85 6.25 -17.11 -7.02
N VAL B 86 7.15 -17.15 -6.03
CA VAL B 86 7.58 -18.44 -5.44
C VAL B 86 6.41 -19.36 -5.02
N THR B 87 5.30 -18.75 -4.60
CA THR B 87 4.11 -19.48 -4.17
C THR B 87 3.31 -20.09 -5.32
N LEU B 88 3.63 -19.72 -6.56
CA LEU B 88 2.89 -20.20 -7.72
C LEU B 88 3.66 -21.26 -8.52
N SER B 89 2.99 -22.37 -8.80
CA SER B 89 3.59 -23.48 -9.55
CA SER B 89 3.58 -23.48 -9.55
C SER B 89 3.81 -23.11 -11.01
N GLN B 90 2.89 -22.33 -11.56
CA GLN B 90 3.02 -21.81 -12.91
C GLN B 90 2.51 -20.37 -12.90
N PRO B 91 2.88 -19.56 -13.91
CA PRO B 91 2.38 -18.19 -13.98
C PRO B 91 0.84 -18.13 -13.95
N LYS B 92 0.31 -17.17 -13.20
CA LYS B 92 -1.12 -16.93 -13.16
C LYS B 92 -1.43 -15.81 -14.15
N ILE B 93 -2.37 -16.07 -15.04
CA ILE B 93 -2.83 -15.05 -16.00
C ILE B 93 -4.24 -14.60 -15.66
N VAL B 94 -4.39 -13.29 -15.52
CA VAL B 94 -5.70 -12.70 -15.31
C VAL B 94 -6.00 -11.79 -16.49
N LYS B 95 -7.13 -12.04 -17.15
CA LYS B 95 -7.54 -11.25 -18.30
C LYS B 95 -8.21 -9.96 -17.86
N TRP B 96 -7.97 -8.90 -18.62
CA TRP B 96 -8.68 -7.66 -18.40
C TRP B 96 -10.10 -7.78 -18.90
N ASP B 97 -11.04 -7.52 -17.98
CA ASP B 97 -12.46 -7.51 -18.31
C ASP B 97 -12.91 -6.08 -18.05
N ARG B 98 -13.27 -5.35 -19.10
CA ARG B 98 -13.57 -3.92 -18.95
C ARG B 98 -14.68 -3.62 -17.92
N ASP B 99 -15.31 -4.70 -17.46
CA ASP B 99 -16.43 -4.63 -16.50
C ASP B 99 -16.02 -4.99 -15.05
N MET B 100 -14.71 -5.07 -14.78
CA MET B 100 -14.20 -5.53 -13.48
C MET B 100 -12.97 -4.77 -12.96
N LEU C 1 9.37 14.07 7.49
CA LEU C 1 10.81 14.07 7.86
C LEU C 1 11.15 12.80 8.60
N LEU C 2 12.22 12.12 8.19
CA LEU C 2 12.71 10.91 8.86
C LEU C 2 13.20 11.17 10.30
N ALA C 3 13.13 10.13 11.11
CA ALA C 3 13.74 10.16 12.43
C ALA C 3 15.26 10.15 12.27
N GLY C 4 15.92 11.11 12.91
CA GLY C 4 17.38 11.19 12.90
C GLY C 4 18.01 10.27 13.93
N ILE C 5 17.29 10.02 15.02
CA ILE C 5 17.78 9.13 16.08
C ILE C 5 16.74 8.07 16.44
N GLY C 6 17.20 7.00 17.08
CA GLY C 6 16.33 5.88 17.44
C GLY C 6 16.35 4.73 16.44
N THR C 7 17.05 4.90 15.31
CA THR C 7 17.21 3.81 14.34
C THR C 7 18.57 3.13 14.51
N VAL C 8 18.61 2.20 15.46
CA VAL C 8 19.83 1.57 15.95
C VAL C 8 19.72 0.06 15.68
N PRO C 9 20.85 -0.66 15.47
CA PRO C 9 20.80 -2.09 15.18
C PRO C 9 20.09 -2.93 16.25
N ILE C 10 19.42 -3.99 15.81
CA ILE C 10 18.78 -4.93 16.74
C ILE C 10 19.79 -5.77 17.53
#